data_5O5G
#
_entry.id   5O5G
#
_cell.length_a   44.156
_cell.length_b   99.711
_cell.length_c   238.673
_cell.angle_alpha   90.00
_cell.angle_beta   90.00
_cell.angle_gamma   90.00
#
_symmetry.space_group_name_H-M   'C 2 2 21'
#
loop_
_entity.id
_entity.type
_entity.pdbx_description
1 polymer 'Roundabout homolog 1'
2 non-polymer 2-acetamido-2-deoxy-beta-D-glucopyranose
3 water water
#
_entity_poly.entity_id   1
_entity_poly.type   'polypeptide(L)'
_entity_poly.pdbx_seq_one_letter_code
;QEDFPPRIVEHPSDLIVSKGEPATLNCKAEGRPTPTIEWYKGGERVETDKDDPRSHRMLLPSGSLFFLRIVHGRKSRPDE
GVYVCVARNYLGEAVSHNASLEVAILRDDFRQNPSDVMVAVGEPAVMECQPPRGHPEPTISWKKDGSPLDDKDERITIRG
GKLMITYTRKSDAGKYVCVGTNMVGERESEVAELTVLERPSFVKRPSNLAVTVDDSAEFKCEARGDPVPTVRWRKDDGEL
PKSRYEIRDDHTLKIRKVTAGDMGSYTCVAENMVGKAEASATLTVQEPPHFVVKPRDQVVALGRTVTFQCEATGNPQPAI
FWRREGSQNLLFSYQPPQSSSRFSVSQTGDLTITNVQRSDVGYYICQTLNVAGSIITKAYLEVTG
;
_entity_poly.pdbx_strand_id   A
#
loop_
_chem_comp.id
_chem_comp.type
_chem_comp.name
_chem_comp.formula
NAG D-saccharide, beta linking 2-acetamido-2-deoxy-beta-D-glucopyranose 'C8 H15 N O6'
#
# COMPACT_ATOMS: atom_id res chain seq x y z
N GLN A 1 31.16 59.41 53.37
CA GLN A 1 30.87 58.42 54.41
C GLN A 1 32.12 57.61 54.71
N GLU A 2 32.32 57.23 56.00
CA GLU A 2 33.46 56.42 56.46
C GLU A 2 33.46 55.06 55.75
N ASP A 3 34.63 54.68 55.19
CA ASP A 3 34.92 53.46 54.41
C ASP A 3 34.12 52.21 54.85
N PHE A 4 33.51 51.47 53.89
CA PHE A 4 32.68 50.30 54.20
C PHE A 4 33.19 48.95 53.58
N PRO A 5 32.93 47.78 54.23
CA PRO A 5 33.40 46.49 53.68
C PRO A 5 32.64 46.06 52.41
N PRO A 6 33.20 45.18 51.53
CA PRO A 6 32.48 44.81 50.30
C PRO A 6 31.15 44.11 50.50
N ARG A 7 30.25 44.31 49.53
CA ARG A 7 28.90 43.78 49.47
C ARG A 7 28.63 43.51 48.00
N ILE A 8 28.42 42.24 47.62
CA ILE A 8 28.20 41.93 46.21
C ILE A 8 26.76 42.30 45.81
N VAL A 9 26.65 43.22 44.84
CA VAL A 9 25.40 43.73 44.29
C VAL A 9 24.88 42.75 43.24
N GLU A 10 25.69 42.49 42.19
CA GLU A 10 25.34 41.55 41.11
C GLU A 10 26.22 40.31 41.13
N HIS A 11 25.57 39.14 41.01
CA HIS A 11 26.19 37.82 41.05
C HIS A 11 26.33 37.20 39.65
N PRO A 12 27.30 36.28 39.41
CA PRO A 12 27.42 35.68 38.08
C PRO A 12 26.31 34.68 37.76
N SER A 13 25.76 34.80 36.54
CA SER A 13 24.70 33.92 36.07
C SER A 13 25.26 32.79 35.20
N ASP A 14 24.68 31.56 35.36
CA ASP A 14 25.06 30.34 34.62
C ASP A 14 24.98 30.55 33.11
N LEU A 15 25.92 29.98 32.35
CA LEU A 15 25.96 30.21 30.91
C LEU A 15 26.48 29.03 30.08
N ILE A 16 25.70 28.69 29.02
CA ILE A 16 26.01 27.67 28.02
C ILE A 16 26.43 28.47 26.79
N VAL A 17 27.62 28.19 26.27
CA VAL A 17 28.17 28.99 25.19
C VAL A 17 28.63 28.12 24.00
N SER A 18 28.22 28.53 22.78
CA SER A 18 28.52 27.92 21.47
C SER A 18 30.04 27.74 21.27
N LYS A 19 30.44 26.60 20.60
CA LYS A 19 31.82 26.21 20.29
C LYS A 19 32.56 27.41 19.69
N GLY A 20 33.56 27.90 20.43
CA GLY A 20 34.41 29.04 20.08
C GLY A 20 33.71 30.38 19.88
N GLU A 21 33.22 31.01 20.99
CA GLU A 21 32.55 32.33 20.98
C GLU A 21 32.75 33.04 22.33
N PRO A 22 32.82 34.40 22.38
CA PRO A 22 33.07 35.07 23.68
C PRO A 22 31.99 34.86 24.72
N ALA A 23 32.38 34.90 26.01
CA ALA A 23 31.51 34.71 27.17
C ALA A 23 31.75 35.80 28.21
N THR A 24 30.70 36.15 29.00
CA THR A 24 30.76 37.16 30.06
C THR A 24 30.03 36.71 31.32
N LEU A 25 30.78 36.64 32.44
CA LEU A 25 30.26 36.30 33.75
C LEU A 25 30.27 37.57 34.56
N ASN A 26 29.11 38.25 34.60
CA ASN A 26 28.90 39.54 35.30
C ASN A 26 29.07 39.42 36.82
N CYS A 27 29.64 40.47 37.46
CA CYS A 27 29.90 40.53 38.91
C CYS A 27 30.12 41.98 39.37
N LYS A 28 29.12 42.55 40.03
CA LYS A 28 29.22 43.92 40.52
C LYS A 28 29.16 43.93 42.05
N ALA A 29 30.05 44.70 42.71
CA ALA A 29 30.12 44.81 44.16
C ALA A 29 30.33 46.25 44.64
N GLU A 30 29.75 46.62 45.80
CA GLU A 30 29.87 47.95 46.39
C GLU A 30 30.74 47.93 47.67
N GLY A 31 31.48 49.01 47.90
CA GLY A 31 32.36 49.17 49.05
C GLY A 31 33.40 50.26 48.89
N ARG A 32 33.83 50.85 50.02
CA ARG A 32 34.83 51.92 50.06
C ARG A 32 36.07 51.50 50.83
N PRO A 33 37.27 51.46 50.22
CA PRO A 33 37.58 51.77 48.81
C PRO A 33 37.03 50.73 47.83
N THR A 34 37.09 51.01 46.50
CA THR A 34 36.62 50.10 45.45
C THR A 34 37.19 48.68 45.66
N PRO A 35 36.34 47.64 45.75
CA PRO A 35 36.88 46.29 46.00
C PRO A 35 37.49 45.64 44.77
N THR A 36 38.67 45.03 44.93
CA THR A 36 39.39 44.34 43.86
C THR A 36 38.75 42.97 43.61
N ILE A 37 38.48 42.66 42.33
CA ILE A 37 37.82 41.43 41.92
C ILE A 37 38.82 40.36 41.48
N GLU A 38 38.59 39.13 41.98
CA GLU A 38 39.37 37.93 41.69
C GLU A 38 38.41 36.77 41.36
N TRP A 39 38.75 35.97 40.35
CA TRP A 39 37.92 34.85 39.91
C TRP A 39 38.52 33.51 40.28
N TYR A 40 37.67 32.57 40.74
CA TYR A 40 38.09 31.25 41.18
C TYR A 40 37.28 30.10 40.58
N LYS A 41 37.96 29.25 39.79
CA LYS A 41 37.39 28.07 39.15
C LYS A 41 37.56 26.88 40.11
N GLY A 42 36.52 26.67 40.92
CA GLY A 42 36.46 25.62 41.92
C GLY A 42 37.45 25.80 43.06
N GLY A 43 37.80 27.05 43.36
CA GLY A 43 38.73 27.40 44.43
C GLY A 43 40.12 27.81 43.96
N GLU A 44 40.47 27.50 42.69
CA GLU A 44 41.76 27.82 42.06
C GLU A 44 41.72 29.19 41.38
N ARG A 45 42.76 30.02 41.61
CA ARG A 45 42.91 31.37 41.05
C ARG A 45 42.92 31.35 39.53
N VAL A 46 42.15 32.26 38.91
CA VAL A 46 42.01 32.40 37.46
C VAL A 46 42.97 33.52 36.97
N GLU A 47 44.04 33.13 36.26
CA GLU A 47 45.04 34.06 35.75
C GLU A 47 44.50 34.83 34.56
N THR A 48 44.23 36.13 34.76
CA THR A 48 43.68 37.04 33.75
C THR A 48 44.77 37.91 33.09
N ASP A 49 44.36 38.87 32.22
CA ASP A 49 45.28 39.80 31.53
C ASP A 49 45.87 40.83 32.51
N LYS A 50 45.20 41.03 33.68
CA LYS A 50 45.63 41.89 34.77
C LYS A 50 46.51 41.12 35.79
N ASP A 51 47.18 40.06 35.27
CA ASP A 51 48.14 39.18 35.93
C ASP A 51 49.27 38.90 34.93
N ASP A 52 48.90 38.58 33.67
CA ASP A 52 49.79 38.36 32.53
C ASP A 52 49.02 38.72 31.24
N PRO A 53 49.46 39.74 30.47
CA PRO A 53 48.71 40.13 29.24
C PRO A 53 48.74 39.11 28.08
N ARG A 54 49.18 37.87 28.35
CA ARG A 54 49.23 36.77 27.37
C ARG A 54 47.98 35.85 27.45
N SER A 55 47.22 35.93 28.58
CA SER A 55 46.01 35.13 28.85
C SER A 55 44.78 35.70 28.13
N HIS A 56 43.98 34.80 27.54
CA HIS A 56 42.78 35.11 26.76
C HIS A 56 41.56 35.51 27.62
N ARG A 57 41.76 35.69 28.94
CA ARG A 57 40.70 36.09 29.86
C ARG A 57 40.95 37.52 30.29
N MET A 58 39.93 38.39 30.16
CA MET A 58 40.06 39.80 30.47
C MET A 58 39.16 40.27 31.60
N LEU A 59 39.79 40.80 32.66
CA LEU A 59 39.10 41.35 33.81
C LEU A 59 38.76 42.80 33.47
N LEU A 60 37.47 43.14 33.57
CA LEU A 60 36.93 44.46 33.25
C LEU A 60 36.88 45.38 34.48
N PRO A 61 37.06 46.71 34.33
CA PRO A 61 36.95 47.61 35.50
C PRO A 61 35.59 47.51 36.20
N SER A 62 34.56 47.10 35.43
CA SER A 62 33.19 46.87 35.88
C SER A 62 33.07 45.56 36.71
N GLY A 63 34.21 44.96 37.05
CA GLY A 63 34.33 43.73 37.84
C GLY A 63 33.98 42.44 37.13
N SER A 64 33.52 42.53 35.87
CA SER A 64 33.11 41.40 35.04
C SER A 64 34.28 40.70 34.39
N LEU A 65 34.13 39.40 34.09
CA LEU A 65 35.16 38.59 33.46
C LEU A 65 34.73 38.25 32.06
N PHE A 66 35.54 38.66 31.08
CA PHE A 66 35.30 38.42 29.66
C PHE A 66 36.24 37.36 29.13
N PHE A 67 35.70 36.41 28.36
CA PHE A 67 36.44 35.33 27.72
C PHE A 67 36.49 35.69 26.25
N LEU A 68 37.69 35.88 25.70
CA LEU A 68 37.86 36.27 24.31
C LEU A 68 37.53 35.13 23.31
N ARG A 69 37.56 33.87 23.81
CA ARG A 69 37.27 32.61 23.10
C ARG A 69 37.17 31.49 24.15
N ILE A 70 36.52 30.36 23.81
CA ILE A 70 36.38 29.25 24.76
C ILE A 70 37.28 28.09 24.37
N VAL A 71 38.13 27.65 25.32
CA VAL A 71 39.10 26.58 25.10
C VAL A 71 38.57 25.18 25.52
N HIS A 72 38.19 24.35 24.51
CA HIS A 72 37.70 22.98 24.68
C HIS A 72 38.28 22.04 23.60
N GLY A 73 39.15 21.13 24.04
CA GLY A 73 39.81 20.14 23.19
C GLY A 73 39.96 18.78 23.87
N ARG A 74 40.62 17.84 23.19
CA ARG A 74 40.85 16.49 23.71
C ARG A 74 42.03 16.44 24.70
N LYS A 75 42.89 17.48 24.67
CA LYS A 75 44.05 17.59 25.55
C LYS A 75 43.83 18.58 26.70
N SER A 76 43.34 19.80 26.40
CA SER A 76 43.11 20.84 27.39
C SER A 76 41.66 21.29 27.47
N ARG A 77 41.22 21.69 28.69
CA ARG A 77 39.88 22.22 29.00
C ARG A 77 39.98 23.21 30.21
N PRO A 78 40.58 24.42 30.03
CA PRO A 78 40.76 25.32 31.19
C PRO A 78 39.66 26.36 31.42
N ASP A 79 38.72 26.51 30.46
CA ASP A 79 37.64 27.49 30.57
C ASP A 79 36.36 26.93 31.18
N GLU A 80 36.03 25.65 30.89
CA GLU A 80 34.83 24.98 31.43
C GLU A 80 34.98 24.77 32.93
N GLY A 81 33.94 25.12 33.68
CA GLY A 81 33.93 24.99 35.13
C GLY A 81 32.97 25.86 35.90
N VAL A 82 33.14 25.88 37.24
CA VAL A 82 32.31 26.61 38.20
C VAL A 82 33.10 27.84 38.69
N TYR A 83 32.51 29.04 38.54
CA TYR A 83 33.16 30.30 38.90
C TYR A 83 32.47 31.09 40.01
N VAL A 84 33.29 31.79 40.82
CA VAL A 84 32.90 32.70 41.92
C VAL A 84 33.82 33.91 41.93
N CYS A 85 33.27 35.11 42.06
CA CYS A 85 34.11 36.30 42.13
C CYS A 85 34.25 36.71 43.57
N VAL A 86 35.44 37.24 43.95
CA VAL A 86 35.71 37.69 45.32
C VAL A 86 36.11 39.18 45.34
N ALA A 87 35.33 40.02 46.08
CA ALA A 87 35.55 41.46 46.26
C ALA A 87 36.33 41.74 47.56
N ARG A 88 37.56 42.26 47.42
CA ARG A 88 38.44 42.51 48.57
C ARG A 88 38.94 43.96 48.68
N ASN A 89 38.53 44.66 49.75
CA ASN A 89 38.98 46.02 50.03
C ASN A 89 39.77 46.09 51.36
N TYR A 90 40.22 47.30 51.76
CA TYR A 90 40.99 47.59 52.99
C TYR A 90 40.64 46.68 54.17
N LEU A 91 39.33 46.48 54.43
CA LEU A 91 38.80 45.62 55.49
C LEU A 91 37.49 44.95 55.04
N GLY A 92 37.56 43.63 54.80
CA GLY A 92 36.42 42.82 54.39
C GLY A 92 36.62 42.01 53.12
N GLU A 93 35.87 40.88 52.99
CA GLU A 93 35.89 39.98 51.82
C GLU A 93 34.49 39.49 51.47
N ALA A 94 34.07 39.71 50.20
CA ALA A 94 32.75 39.29 49.73
C ALA A 94 32.86 38.19 48.66
N VAL A 95 32.12 37.08 48.83
CA VAL A 95 32.12 35.95 47.90
C VAL A 95 30.71 35.78 47.31
N SER A 96 30.64 35.70 45.98
CA SER A 96 29.41 35.61 45.21
C SER A 96 28.83 34.20 45.11
N HIS A 97 27.62 34.09 44.50
CA HIS A 97 26.97 32.81 44.21
C HIS A 97 27.76 32.20 43.06
N ASN A 98 27.66 30.89 42.84
CA ASN A 98 28.39 30.30 41.75
C ASN A 98 27.60 30.31 40.43
N ALA A 99 28.35 30.15 39.33
CA ALA A 99 27.85 30.12 37.97
C ALA A 99 28.60 29.07 37.18
N SER A 100 27.89 28.44 36.24
CA SER A 100 28.43 27.39 35.37
C SER A 100 28.81 27.98 34.03
N LEU A 101 29.85 27.43 33.44
CA LEU A 101 30.30 27.86 32.13
C LEU A 101 30.55 26.59 31.35
N GLU A 102 29.49 26.13 30.66
CA GLU A 102 29.50 24.89 29.88
C GLU A 102 29.53 25.16 28.38
N VAL A 103 30.26 24.31 27.63
CA VAL A 103 30.33 24.40 26.18
C VAL A 103 29.12 23.67 25.61
N ALA A 104 28.44 24.31 24.64
CA ALA A 104 27.32 23.72 23.93
C ALA A 104 27.90 22.67 22.96
N ILE A 105 27.30 21.48 22.94
CA ILE A 105 27.73 20.38 22.08
C ILE A 105 26.55 19.76 21.32
N LEU A 106 26.83 19.19 20.12
CA LEU A 106 25.90 18.53 19.22
C LEU A 106 26.73 17.61 18.32
N ARG A 107 26.67 16.30 18.57
CA ARG A 107 27.43 15.28 17.86
C ARG A 107 26.86 14.98 16.47
N ASP A 108 27.56 14.11 15.69
CA ASP A 108 27.14 13.75 14.33
C ASP A 108 26.18 12.55 14.29
N ASP A 109 26.66 11.34 14.62
CA ASP A 109 25.90 10.07 14.62
C ASP A 109 24.72 10.05 15.58
N PHE A 110 23.56 9.60 15.10
CA PHE A 110 22.29 9.54 15.82
C PHE A 110 22.18 8.36 16.79
N ARG A 111 21.49 8.59 17.92
CA ARG A 111 21.21 7.58 18.95
C ARG A 111 20.24 6.53 18.42
N GLN A 112 19.53 6.86 17.33
CA GLN A 112 18.60 6.02 16.60
C GLN A 112 18.16 6.71 15.30
N ASN A 113 18.46 6.07 14.16
CA ASN A 113 18.12 6.61 12.85
C ASN A 113 16.77 6.10 12.37
N PRO A 114 15.95 6.93 11.68
CA PRO A 114 14.68 6.44 11.14
C PRO A 114 14.91 5.32 10.12
N SER A 115 14.06 4.28 10.20
CA SER A 115 14.10 3.09 9.34
C SER A 115 13.02 3.14 8.28
N ASP A 116 13.26 2.48 7.13
CA ASP A 116 12.32 2.39 6.00
C ASP A 116 11.04 1.63 6.39
N VAL A 117 9.90 1.96 5.71
CA VAL A 117 8.62 1.27 5.92
C VAL A 117 7.96 0.91 4.56
N MET A 118 7.58 -0.37 4.41
CA MET A 118 6.90 -0.85 3.22
C MET A 118 5.52 -1.34 3.66
N VAL A 119 4.49 -0.49 3.45
CA VAL A 119 3.10 -0.81 3.84
C VAL A 119 2.16 -0.83 2.63
N ALA A 120 0.96 -1.41 2.85
CA ALA A 120 -0.14 -1.46 1.89
C ALA A 120 -0.98 -0.19 2.09
N VAL A 121 -1.70 0.26 1.06
CA VAL A 121 -2.56 1.46 1.13
C VAL A 121 -3.65 1.29 2.21
N GLY A 122 -3.60 2.16 3.21
CA GLY A 122 -4.56 2.15 4.31
C GLY A 122 -3.97 1.74 5.64
N GLU A 123 -2.91 0.90 5.60
CA GLU A 123 -2.21 0.39 6.78
C GLU A 123 -1.50 1.54 7.50
N PRO A 124 -1.51 1.61 8.86
CA PRO A 124 -0.79 2.71 9.52
C PRO A 124 0.73 2.65 9.28
N ALA A 125 1.41 3.77 9.43
CA ALA A 125 2.87 3.82 9.29
C ALA A 125 3.52 4.57 10.46
N VAL A 126 4.52 3.93 11.09
CA VAL A 126 5.27 4.49 12.23
C VAL A 126 6.76 4.60 11.90
N MET A 127 7.40 5.65 12.42
CA MET A 127 8.83 5.87 12.26
C MET A 127 9.46 6.30 13.57
N GLU A 128 10.52 5.58 13.99
CA GLU A 128 11.25 5.78 15.24
C GLU A 128 12.55 6.57 15.01
N CYS A 129 12.88 7.48 15.96
CA CYS A 129 14.08 8.33 15.89
C CYS A 129 14.55 8.76 17.29
N GLN A 130 15.87 8.95 17.42
CA GLN A 130 16.54 9.50 18.60
C GLN A 130 17.71 10.35 18.10
N PRO A 131 17.75 11.66 18.47
CA PRO A 131 18.77 12.57 17.93
C PRO A 131 20.23 12.23 18.27
N PRO A 132 21.26 12.85 17.64
CA PRO A 132 22.63 12.57 18.05
C PRO A 132 22.93 13.24 19.40
N ARG A 133 23.92 12.74 20.16
CA ARG A 133 24.27 13.28 21.48
C ARG A 133 24.44 14.82 21.46
N GLY A 134 23.92 15.51 22.49
CA GLY A 134 23.99 16.97 22.54
C GLY A 134 23.55 17.62 23.83
N HIS A 135 24.24 18.70 24.23
CA HIS A 135 23.94 19.48 25.44
C HIS A 135 23.84 20.97 25.13
N PRO A 136 22.69 21.68 25.38
CA PRO A 136 21.37 21.20 25.86
C PRO A 136 20.77 20.16 24.92
N GLU A 137 19.81 19.36 25.41
CA GLU A 137 19.19 18.26 24.63
C GLU A 137 18.60 18.74 23.28
N PRO A 138 18.95 18.04 22.16
CA PRO A 138 18.46 18.46 20.85
C PRO A 138 16.96 18.21 20.64
N THR A 139 16.26 19.12 19.92
CA THR A 139 14.83 18.99 19.63
C THR A 139 14.58 18.39 18.26
N ILE A 140 13.71 17.36 18.25
CA ILE A 140 13.33 16.53 17.09
C ILE A 140 12.24 17.18 16.21
N SER A 141 12.47 17.15 14.89
CA SER A 141 11.56 17.64 13.87
C SER A 141 11.65 16.71 12.64
N TRP A 142 10.69 16.79 11.73
CA TRP A 142 10.71 15.90 10.57
C TRP A 142 10.62 16.62 9.22
N LYS A 143 11.24 16.04 8.18
CA LYS A 143 11.24 16.56 6.81
C LYS A 143 10.84 15.48 5.80
N LYS A 144 9.95 15.81 4.84
CA LYS A 144 9.53 14.89 3.79
C LYS A 144 9.92 15.46 2.43
N ASP A 145 10.98 14.86 1.82
CA ASP A 145 11.58 15.20 0.53
C ASP A 145 12.12 16.66 0.52
N GLY A 146 12.93 16.97 1.52
CA GLY A 146 13.51 18.30 1.69
C GLY A 146 12.68 19.24 2.54
N SER A 147 11.37 19.38 2.21
CA SER A 147 10.42 20.26 2.91
C SER A 147 10.06 19.76 4.33
N PRO A 148 9.84 20.68 5.32
CA PRO A 148 9.49 20.22 6.69
C PRO A 148 8.03 19.75 6.84
N LEU A 149 7.83 18.67 7.61
CA LEU A 149 6.54 18.03 7.83
C LEU A 149 5.83 18.59 9.08
N ASP A 150 4.49 18.71 9.00
CA ASP A 150 3.62 19.25 10.06
C ASP A 150 2.65 18.20 10.66
N ASP A 151 2.28 18.40 11.94
CA ASP A 151 1.31 17.61 12.72
C ASP A 151 -0.12 18.02 12.27
N LYS A 152 -0.23 19.14 11.52
CA LYS A 152 -1.46 19.75 10.99
C LYS A 152 -2.50 18.73 10.51
N ASP A 153 -2.08 17.71 9.71
CA ASP A 153 -2.97 16.66 9.24
C ASP A 153 -3.47 15.87 10.45
N GLU A 154 -4.78 15.57 10.47
CA GLU A 154 -5.49 14.85 11.54
C GLU A 154 -4.88 13.48 11.88
N ARG A 155 -4.32 12.82 10.85
CA ARG A 155 -3.69 11.51 10.93
C ARG A 155 -2.26 11.59 11.46
N ILE A 156 -1.47 12.56 10.96
CA ILE A 156 -0.07 12.77 11.32
C ILE A 156 0.06 13.33 12.73
N THR A 157 0.81 12.61 13.57
CA THR A 157 1.07 12.98 14.97
C THR A 157 2.54 12.77 15.30
N ILE A 158 3.23 13.85 15.70
CA ILE A 158 4.64 13.81 16.05
C ILE A 158 4.73 13.97 17.55
N ARG A 159 5.15 12.89 18.25
CA ARG A 159 5.25 12.86 19.70
C ARG A 159 6.57 12.23 20.12
N GLY A 160 7.32 12.94 20.96
CA GLY A 160 8.63 12.50 21.46
C GLY A 160 9.62 12.36 20.33
N GLY A 161 9.79 11.11 19.86
CA GLY A 161 10.65 10.78 18.74
C GLY A 161 10.00 9.81 17.77
N LYS A 162 8.65 9.89 17.64
CA LYS A 162 7.85 9.02 16.78
C LYS A 162 7.05 9.79 15.75
N LEU A 163 6.80 9.15 14.59
CA LEU A 163 5.97 9.67 13.51
C LEU A 163 4.87 8.67 13.21
N MET A 164 3.62 9.07 13.40
CA MET A 164 2.52 8.15 13.15
C MET A 164 1.52 8.65 12.14
N ILE A 165 1.28 7.79 11.15
CA ILE A 165 0.28 7.97 10.10
C ILE A 165 -0.77 6.91 10.44
N THR A 166 -2.02 7.32 10.70
CA THR A 166 -3.11 6.41 11.08
C THR A 166 -3.52 5.55 9.89
N TYR A 167 -3.66 6.16 8.72
CA TYR A 167 -3.93 5.45 7.49
C TYR A 167 -3.13 6.03 6.37
N THR A 168 -2.47 5.17 5.60
CA THR A 168 -1.62 5.63 4.52
C THR A 168 -2.36 5.85 3.21
N ARG A 169 -2.02 6.97 2.56
CA ARG A 169 -2.45 7.43 1.26
C ARG A 169 -1.22 7.32 0.39
N LYS A 170 -1.35 7.11 -0.92
CA LYS A 170 -0.18 7.02 -1.82
C LYS A 170 0.73 8.26 -1.70
N SER A 171 0.11 9.44 -1.49
CA SER A 171 0.71 10.78 -1.31
C SER A 171 1.72 10.89 -0.16
N ASP A 172 1.66 9.97 0.83
CA ASP A 172 2.57 9.91 1.97
C ASP A 172 3.89 9.27 1.60
N ALA A 173 3.96 8.61 0.43
CA ALA A 173 5.17 7.97 -0.05
C ALA A 173 6.24 9.03 -0.31
N GLY A 174 7.49 8.66 -0.01
CA GLY A 174 8.65 9.54 -0.16
C GLY A 174 9.78 9.28 0.81
N LYS A 175 10.85 10.07 0.67
CA LYS A 175 12.07 10.04 1.48
C LYS A 175 11.89 10.93 2.74
N TYR A 176 12.04 10.33 3.94
CA TYR A 176 11.86 11.02 5.22
C TYR A 176 13.16 11.09 6.02
N VAL A 177 13.41 12.24 6.70
CA VAL A 177 14.56 12.50 7.58
C VAL A 177 14.11 13.20 8.88
N CYS A 178 14.83 12.90 9.95
CA CYS A 178 14.70 13.34 11.34
C CYS A 178 15.75 14.44 11.60
N VAL A 179 15.32 15.58 12.15
CA VAL A 179 16.20 16.72 12.39
C VAL A 179 16.39 16.98 13.88
N GLY A 180 17.65 16.97 14.32
CA GLY A 180 18.05 17.27 15.68
C GLY A 180 18.58 18.69 15.75
N THR A 181 17.95 19.54 16.57
CA THR A 181 18.34 20.95 16.70
C THR A 181 18.47 21.52 18.13
N ASN A 182 19.69 21.95 18.52
CA ASN A 182 19.96 22.71 19.75
C ASN A 182 20.59 24.08 19.34
N MET A 183 21.38 24.76 20.20
CA MET A 183 21.97 26.06 19.81
C MET A 183 23.16 25.92 18.82
N VAL A 184 23.91 24.77 18.86
CA VAL A 184 25.07 24.47 17.99
C VAL A 184 24.67 24.38 16.50
N GLY A 185 23.48 23.87 16.21
CA GLY A 185 23.00 23.75 14.85
C GLY A 185 21.98 22.67 14.57
N GLU A 186 21.96 22.20 13.32
CA GLU A 186 21.06 21.18 12.81
C GLU A 186 21.87 19.96 12.33
N ARG A 187 21.26 18.76 12.48
CA ARG A 187 21.80 17.47 12.03
C ARG A 187 20.63 16.71 11.38
N GLU A 188 20.70 16.46 10.06
CA GLU A 188 19.66 15.73 9.34
C GLU A 188 20.07 14.27 9.27
N SER A 189 19.22 13.39 9.80
CA SER A 189 19.44 11.93 9.89
C SER A 189 19.48 11.17 8.55
N GLU A 190 19.52 9.82 8.64
CA GLU A 190 19.57 8.93 7.49
C GLU A 190 18.19 8.80 6.86
N VAL A 191 18.15 8.86 5.52
CA VAL A 191 16.95 8.78 4.68
C VAL A 191 16.21 7.45 4.87
N ALA A 192 14.94 7.55 5.27
CA ALA A 192 14.07 6.41 5.48
C ALA A 192 12.89 6.51 4.52
N GLU A 193 13.01 5.86 3.35
CA GLU A 193 11.99 5.85 2.31
C GLU A 193 10.74 5.09 2.80
N LEU A 194 9.54 5.64 2.54
CA LEU A 194 8.26 5.05 2.86
C LEU A 194 7.55 4.78 1.52
N THR A 195 7.16 3.51 1.28
CA THR A 195 6.51 3.08 0.05
C THR A 195 5.09 2.58 0.32
N VAL A 196 4.12 3.13 -0.41
CA VAL A 196 2.71 2.77 -0.27
C VAL A 196 2.29 1.83 -1.41
N LEU A 197 2.36 0.52 -1.12
CA LEU A 197 2.10 -0.61 -2.01
C LEU A 197 0.61 -0.93 -2.14
N GLU A 198 0.12 -1.11 -3.38
CA GLU A 198 -1.28 -1.42 -3.68
C GLU A 198 -1.42 -2.91 -4.04
N ARG A 199 -2.45 -3.58 -3.51
CA ARG A 199 -2.72 -5.00 -3.79
C ARG A 199 -3.30 -5.20 -5.20
N PRO A 200 -3.08 -6.39 -5.83
CA PRO A 200 -3.60 -6.60 -7.21
C PRO A 200 -5.11 -6.71 -7.36
N SER A 201 -5.64 -6.15 -8.47
CA SER A 201 -7.07 -6.17 -8.83
C SER A 201 -7.26 -6.04 -10.35
N PHE A 202 -8.44 -6.43 -10.88
CA PHE A 202 -8.70 -6.45 -12.31
C PHE A 202 -9.40 -5.21 -12.86
N VAL A 203 -8.80 -4.60 -13.87
CA VAL A 203 -9.40 -3.46 -14.55
C VAL A 203 -10.50 -4.04 -15.49
N LYS A 204 -10.15 -5.12 -16.22
CA LYS A 204 -11.03 -5.85 -17.13
C LYS A 204 -10.84 -7.35 -16.86
N ARG A 205 -11.91 -8.07 -16.50
CA ARG A 205 -11.87 -9.49 -16.17
C ARG A 205 -12.50 -10.39 -17.27
N PRO A 206 -12.07 -11.68 -17.38
CA PRO A 206 -12.59 -12.53 -18.47
C PRO A 206 -14.11 -12.75 -18.46
N SER A 207 -14.67 -12.99 -19.67
CA SER A 207 -16.08 -13.25 -19.94
C SER A 207 -16.24 -14.69 -20.40
N ASN A 208 -17.30 -15.37 -19.92
CA ASN A 208 -17.61 -16.74 -20.32
C ASN A 208 -17.88 -16.76 -21.82
N LEU A 209 -17.21 -17.68 -22.52
CA LEU A 209 -17.31 -17.78 -23.97
C LEU A 209 -17.76 -19.16 -24.45
N ALA A 210 -18.68 -19.15 -25.45
CA ALA A 210 -19.23 -20.31 -26.16
C ALA A 210 -18.77 -20.22 -27.59
N VAL A 211 -17.92 -21.17 -27.97
CA VAL A 211 -17.32 -21.21 -29.28
C VAL A 211 -17.46 -22.63 -29.82
N THR A 212 -17.89 -22.73 -31.09
CA THR A 212 -18.06 -23.99 -31.82
C THR A 212 -16.65 -24.66 -32.08
N VAL A 213 -16.63 -25.81 -32.78
CA VAL A 213 -15.39 -26.53 -33.06
C VAL A 213 -14.55 -25.87 -34.17
N ASP A 214 -13.22 -25.90 -34.01
CA ASP A 214 -12.15 -25.41 -34.93
C ASP A 214 -11.98 -23.87 -34.98
N ASP A 215 -12.79 -23.16 -34.15
CA ASP A 215 -12.71 -21.71 -34.02
C ASP A 215 -11.80 -21.39 -32.84
N SER A 216 -11.12 -20.25 -32.93
CA SER A 216 -10.25 -19.80 -31.87
C SER A 216 -11.11 -19.15 -30.76
N ALA A 217 -10.55 -19.02 -29.52
CA ALA A 217 -11.26 -18.47 -28.36
C ALA A 217 -10.42 -17.42 -27.68
N GLU A 218 -11.05 -16.33 -27.26
CA GLU A 218 -10.36 -15.24 -26.58
C GLU A 218 -10.88 -14.93 -25.16
N PHE A 219 -9.96 -14.77 -24.19
CA PHE A 219 -10.27 -14.39 -22.82
C PHE A 219 -9.43 -13.17 -22.40
N LYS A 220 -10.04 -11.99 -22.41
CA LYS A 220 -9.40 -10.73 -22.06
C LYS A 220 -9.14 -10.64 -20.56
N CYS A 221 -7.99 -10.05 -20.14
CA CYS A 221 -7.62 -9.86 -18.73
C CYS A 221 -6.55 -8.78 -18.50
N GLU A 222 -6.93 -7.72 -17.77
CA GLU A 222 -6.09 -6.57 -17.45
C GLU A 222 -6.09 -6.43 -15.94
N ALA A 223 -4.90 -6.23 -15.34
CA ALA A 223 -4.76 -6.07 -13.90
C ALA A 223 -3.99 -4.78 -13.49
N ARG A 224 -4.15 -4.36 -12.22
CA ARG A 224 -3.50 -3.19 -11.63
C ARG A 224 -2.83 -3.61 -10.32
N GLY A 225 -2.05 -2.70 -9.74
CA GLY A 225 -1.36 -2.93 -8.47
C GLY A 225 0.07 -2.45 -8.52
N ASP A 226 0.59 -2.02 -7.35
CA ASP A 226 1.96 -1.53 -7.16
C ASP A 226 2.72 -2.42 -6.15
N PRO A 227 3.85 -3.07 -6.54
CA PRO A 227 4.49 -3.07 -7.87
C PRO A 227 3.67 -3.79 -8.94
N VAL A 228 3.86 -3.42 -10.23
CA VAL A 228 3.16 -3.97 -11.41
C VAL A 228 3.00 -5.51 -11.29
N PRO A 229 1.76 -6.04 -11.21
CA PRO A 229 1.62 -7.49 -10.96
C PRO A 229 1.92 -8.40 -12.15
N THR A 230 2.47 -9.60 -11.89
CA THR A 230 2.72 -10.59 -12.93
C THR A 230 1.38 -11.27 -13.23
N VAL A 231 1.04 -11.48 -14.51
CA VAL A 231 -0.22 -12.11 -14.92
C VAL A 231 0.02 -13.47 -15.60
N ARG A 232 -0.58 -14.55 -15.05
CA ARG A 232 -0.38 -15.90 -15.57
C ARG A 232 -1.64 -16.72 -15.64
N TRP A 233 -1.95 -17.31 -16.81
CA TRP A 233 -3.14 -18.13 -17.02
C TRP A 233 -3.02 -19.58 -16.53
N ARG A 234 -4.13 -20.13 -16.05
CA ARG A 234 -4.30 -21.48 -15.50
C ARG A 234 -5.37 -22.22 -16.32
N LYS A 235 -5.55 -23.51 -16.01
CA LYS A 235 -6.58 -24.41 -16.54
C LYS A 235 -6.96 -25.20 -15.31
N ASP A 236 -8.10 -24.88 -14.72
CA ASP A 236 -8.56 -25.48 -13.46
C ASP A 236 -8.49 -27.01 -13.48
N ASP A 237 -8.93 -27.62 -14.59
CA ASP A 237 -8.94 -29.06 -14.84
C ASP A 237 -7.86 -29.46 -15.90
N GLY A 238 -6.59 -29.37 -15.49
CA GLY A 238 -5.47 -29.73 -16.35
C GLY A 238 -4.51 -28.62 -16.74
N GLU A 239 -3.94 -28.74 -17.93
CA GLU A 239 -2.97 -27.78 -18.43
C GLU A 239 -3.44 -27.14 -19.72
N LEU A 240 -2.73 -26.10 -20.18
CA LEU A 240 -3.06 -25.41 -21.41
C LEU A 240 -2.68 -26.27 -22.62
N PRO A 241 -3.42 -26.16 -23.74
CA PRO A 241 -3.18 -27.05 -24.89
C PRO A 241 -1.85 -26.83 -25.62
N LYS A 242 -0.89 -27.75 -25.41
CA LYS A 242 0.43 -27.69 -26.05
C LYS A 242 0.28 -27.40 -27.51
N SER A 243 0.97 -26.35 -27.98
CA SER A 243 0.97 -25.91 -29.38
C SER A 243 -0.39 -25.33 -29.88
N ARG A 244 -1.33 -25.00 -28.97
CA ARG A 244 -2.63 -24.45 -29.38
C ARG A 244 -3.03 -23.20 -28.59
N TYR A 245 -2.15 -22.74 -27.66
CA TYR A 245 -2.40 -21.51 -26.90
C TYR A 245 -1.37 -20.44 -27.18
N GLU A 246 -1.72 -19.18 -26.85
CA GLU A 246 -0.88 -18.00 -27.06
C GLU A 246 -1.31 -16.91 -26.10
N ILE A 247 -0.38 -16.44 -25.26
CA ILE A 247 -0.65 -15.37 -24.32
C ILE A 247 -0.14 -14.05 -24.93
N ARG A 248 -1.07 -13.20 -25.38
CA ARG A 248 -0.73 -11.92 -26.00
C ARG A 248 -0.16 -10.91 -25.00
N ASP A 249 0.42 -9.82 -25.54
CA ASP A 249 1.05 -8.73 -24.77
C ASP A 249 0.08 -8.01 -23.86
N ASP A 250 -1.19 -7.93 -24.28
CA ASP A 250 -2.29 -7.33 -23.51
C ASP A 250 -2.74 -8.24 -22.34
N HIS A 251 -2.17 -9.48 -22.26
CA HIS A 251 -2.40 -10.57 -21.30
C HIS A 251 -3.57 -11.49 -21.65
N THR A 252 -4.15 -11.34 -22.85
CA THR A 252 -5.29 -12.14 -23.24
C THR A 252 -4.87 -13.50 -23.80
N LEU A 253 -5.62 -14.52 -23.36
CA LEU A 253 -5.46 -15.93 -23.68
C LEU A 253 -6.21 -16.27 -24.95
N LYS A 254 -5.52 -16.97 -25.87
CA LYS A 254 -6.11 -17.42 -27.11
C LYS A 254 -5.85 -18.88 -27.32
N ILE A 255 -6.92 -19.68 -27.45
CA ILE A 255 -6.84 -21.10 -27.74
C ILE A 255 -7.28 -21.27 -29.19
N ARG A 256 -6.37 -21.79 -30.04
CA ARG A 256 -6.58 -22.03 -31.48
C ARG A 256 -7.07 -23.46 -31.72
N LYS A 257 -7.89 -23.63 -32.78
CA LYS A 257 -8.46 -24.91 -33.26
C LYS A 257 -9.06 -25.73 -32.11
N VAL A 258 -10.02 -25.10 -31.41
CA VAL A 258 -10.74 -25.64 -30.27
C VAL A 258 -11.37 -26.99 -30.60
N THR A 259 -11.18 -27.96 -29.69
CA THR A 259 -11.75 -29.30 -29.77
C THR A 259 -12.30 -29.64 -28.38
N ALA A 260 -13.53 -30.23 -28.29
CA ALA A 260 -14.16 -30.64 -27.02
C ALA A 260 -13.11 -31.30 -26.12
N GLY A 261 -13.06 -30.86 -24.87
CA GLY A 261 -12.04 -31.28 -23.92
C GLY A 261 -11.37 -30.02 -23.44
N ASP A 262 -11.34 -29.01 -24.36
CA ASP A 262 -10.90 -27.65 -24.08
C ASP A 262 -11.99 -27.06 -23.19
N MET A 263 -13.25 -27.54 -23.39
CA MET A 263 -14.43 -27.18 -22.61
C MET A 263 -14.15 -27.34 -21.13
N GLY A 264 -14.03 -26.22 -20.45
CA GLY A 264 -13.76 -26.17 -19.02
C GLY A 264 -13.60 -24.75 -18.53
N SER A 265 -12.88 -24.59 -17.42
CA SER A 265 -12.70 -23.26 -16.85
C SER A 265 -11.23 -22.90 -16.74
N TYR A 266 -10.94 -21.64 -17.13
CA TYR A 266 -9.63 -21.04 -17.18
C TYR A 266 -9.59 -19.86 -16.21
N THR A 267 -8.42 -19.65 -15.53
CA THR A 267 -8.22 -18.58 -14.54
C THR A 267 -7.06 -17.65 -14.88
N CYS A 268 -7.29 -16.35 -14.71
CA CYS A 268 -6.31 -15.30 -14.89
C CYS A 268 -5.80 -15.02 -13.46
N VAL A 269 -4.47 -15.06 -13.22
CA VAL A 269 -3.97 -14.80 -11.87
C VAL A 269 -2.97 -13.64 -11.82
N ALA A 270 -3.33 -12.59 -11.07
CA ALA A 270 -2.52 -11.38 -10.87
C ALA A 270 -1.82 -11.49 -9.52
N GLU A 271 -0.48 -11.35 -9.49
CA GLU A 271 0.27 -11.51 -8.24
C GLU A 271 1.42 -10.53 -8.13
N ASN A 272 1.60 -9.97 -6.93
CA ASN A 272 2.71 -9.09 -6.61
C ASN A 272 3.23 -9.46 -5.20
N MET A 273 4.12 -8.67 -4.60
CA MET A 273 4.67 -9.00 -3.28
C MET A 273 3.70 -8.75 -2.12
N VAL A 274 2.68 -7.89 -2.34
CA VAL A 274 1.73 -7.50 -1.30
C VAL A 274 0.40 -8.30 -1.37
N GLY A 275 0.12 -8.93 -2.50
CA GLY A 275 -1.10 -9.74 -2.65
C GLY A 275 -1.17 -10.65 -3.84
N LYS A 276 -2.42 -11.11 -4.16
CA LYS A 276 -2.76 -12.05 -5.24
C LYS A 276 -4.25 -12.03 -5.51
N ALA A 277 -4.65 -11.84 -6.78
CA ALA A 277 -6.04 -11.84 -7.24
C ALA A 277 -6.26 -12.81 -8.41
N GLU A 278 -7.39 -13.53 -8.38
CA GLU A 278 -7.78 -14.54 -9.36
C GLU A 278 -9.12 -14.19 -9.98
N ALA A 279 -9.35 -14.61 -11.24
CA ALA A 279 -10.61 -14.37 -11.98
C ALA A 279 -10.84 -15.48 -12.99
N SER A 280 -12.07 -16.05 -13.01
CA SER A 280 -12.40 -17.16 -13.89
C SER A 280 -13.49 -16.83 -14.96
N ALA A 281 -13.53 -17.72 -15.98
CA ALA A 281 -14.42 -17.75 -17.14
C ALA A 281 -14.43 -19.20 -17.66
N THR A 282 -15.55 -19.60 -18.30
CA THR A 282 -15.63 -20.93 -18.88
C THR A 282 -15.69 -20.86 -20.38
N LEU A 283 -15.11 -21.91 -20.99
CA LEU A 283 -15.15 -22.13 -22.42
C LEU A 283 -16.16 -23.24 -22.69
N THR A 284 -17.09 -22.95 -23.62
CA THR A 284 -18.16 -23.86 -24.02
C THR A 284 -17.97 -24.35 -25.46
N VAL A 285 -17.55 -25.61 -25.65
CA VAL A 285 -17.43 -26.14 -27.02
C VAL A 285 -18.85 -26.56 -27.48
N GLN A 286 -19.23 -26.13 -28.69
CA GLN A 286 -20.56 -26.39 -29.24
C GLN A 286 -20.55 -27.46 -30.34
N GLU A 287 -20.92 -28.69 -29.95
CA GLU A 287 -20.96 -29.87 -30.84
C GLU A 287 -22.34 -29.97 -31.54
N PRO A 288 -22.38 -30.19 -32.88
CA PRO A 288 -23.68 -30.29 -33.57
C PRO A 288 -24.57 -31.43 -33.04
N PRO A 289 -25.92 -31.43 -33.28
CA PRO A 289 -26.77 -32.46 -32.67
C PRO A 289 -26.71 -33.85 -33.29
N HIS A 290 -27.06 -34.85 -32.45
CA HIS A 290 -27.13 -36.28 -32.79
C HIS A 290 -28.37 -36.90 -32.16
N PHE A 291 -29.07 -37.77 -32.90
CA PHE A 291 -30.28 -38.45 -32.46
C PHE A 291 -29.99 -39.65 -31.57
N VAL A 292 -30.41 -39.55 -30.31
CA VAL A 292 -30.34 -40.61 -29.31
C VAL A 292 -31.47 -41.60 -29.65
N VAL A 293 -32.71 -41.08 -29.84
CA VAL A 293 -33.93 -41.83 -30.17
C VAL A 293 -34.59 -41.28 -31.44
N LYS A 294 -34.84 -42.16 -32.42
CA LYS A 294 -35.47 -41.85 -33.70
C LYS A 294 -36.90 -42.43 -33.76
N PRO A 295 -37.90 -41.68 -34.25
CA PRO A 295 -39.26 -42.23 -34.29
C PRO A 295 -39.42 -43.36 -35.30
N ARG A 296 -40.21 -44.37 -34.90
CA ARG A 296 -40.53 -45.54 -35.71
C ARG A 296 -41.98 -45.50 -36.17
N ASP A 297 -42.20 -45.83 -37.47
CA ASP A 297 -43.49 -45.91 -38.17
C ASP A 297 -44.41 -46.83 -37.37
N GLN A 298 -45.63 -46.38 -37.05
CA GLN A 298 -46.58 -47.16 -36.26
C GLN A 298 -48.05 -46.93 -36.64
N VAL A 299 -48.86 -48.01 -36.44
CA VAL A 299 -50.29 -48.11 -36.74
C VAL A 299 -51.14 -47.97 -35.48
N VAL A 300 -52.04 -46.99 -35.47
CA VAL A 300 -52.92 -46.77 -34.31
C VAL A 300 -54.42 -46.86 -34.74
N ALA A 301 -55.23 -47.55 -33.93
CA ALA A 301 -56.66 -47.70 -34.17
C ALA A 301 -57.38 -46.37 -33.89
N LEU A 302 -58.40 -46.08 -34.69
CA LEU A 302 -59.20 -44.86 -34.61
C LEU A 302 -59.67 -44.50 -33.17
N GLY A 303 -59.41 -43.25 -32.76
CA GLY A 303 -59.76 -42.75 -31.43
C GLY A 303 -58.73 -42.97 -30.32
N ARG A 304 -57.77 -43.86 -30.54
CA ARG A 304 -56.75 -44.14 -29.53
C ARG A 304 -55.63 -43.08 -29.54
N THR A 305 -54.71 -43.15 -28.58
CA THR A 305 -53.60 -42.20 -28.45
C THR A 305 -52.27 -42.81 -28.89
N VAL A 306 -51.51 -42.04 -29.69
CA VAL A 306 -50.21 -42.43 -30.23
C VAL A 306 -49.12 -41.45 -29.79
N THR A 307 -47.93 -41.97 -29.45
CA THR A 307 -46.73 -41.20 -29.11
C THR A 307 -45.57 -41.63 -30.02
N PHE A 308 -44.91 -40.64 -30.64
CA PHE A 308 -43.74 -40.79 -31.50
C PHE A 308 -42.52 -40.25 -30.73
N GLN A 309 -41.59 -41.15 -30.36
CA GLN A 309 -40.38 -40.77 -29.62
C GLN A 309 -39.34 -40.14 -30.52
N CYS A 310 -38.75 -39.02 -30.06
CA CYS A 310 -37.65 -38.29 -30.70
C CYS A 310 -36.89 -37.60 -29.58
N GLU A 311 -35.65 -38.03 -29.38
CA GLU A 311 -34.77 -37.57 -28.34
C GLU A 311 -33.42 -37.28 -28.99
N ALA A 312 -32.86 -36.10 -28.71
CA ALA A 312 -31.57 -35.68 -29.26
C ALA A 312 -30.60 -35.13 -28.19
N THR A 313 -29.28 -35.21 -28.49
CA THR A 313 -28.24 -34.71 -27.59
C THR A 313 -27.12 -34.00 -28.36
N GLY A 314 -26.92 -32.75 -27.98
CA GLY A 314 -25.92 -31.85 -28.53
C GLY A 314 -25.47 -30.84 -27.49
N ASN A 315 -24.49 -30.02 -27.85
CA ASN A 315 -23.96 -29.00 -26.97
C ASN A 315 -24.08 -27.66 -27.67
N PRO A 316 -24.97 -26.73 -27.23
CA PRO A 316 -25.91 -26.81 -26.09
C PRO A 316 -27.10 -27.74 -26.36
N GLN A 317 -27.94 -28.05 -25.34
CA GLN A 317 -29.12 -28.92 -25.56
C GLN A 317 -29.93 -28.41 -26.75
N PRO A 318 -30.12 -29.27 -27.78
CA PRO A 318 -30.78 -28.81 -28.98
C PRO A 318 -32.28 -28.91 -28.91
N ALA A 319 -32.93 -27.84 -29.35
CA ALA A 319 -34.37 -27.72 -29.37
C ALA A 319 -34.99 -28.70 -30.38
N ILE A 320 -36.25 -29.10 -30.14
CA ILE A 320 -36.94 -30.05 -31.00
C ILE A 320 -38.35 -29.55 -31.41
N PHE A 321 -38.71 -29.74 -32.69
CA PHE A 321 -40.02 -29.40 -33.20
C PHE A 321 -40.46 -30.32 -34.30
N TRP A 322 -41.74 -30.59 -34.34
CA TRP A 322 -42.39 -31.45 -35.31
C TRP A 322 -43.11 -30.62 -36.36
N ARG A 323 -43.62 -31.29 -37.39
CA ARG A 323 -44.33 -30.75 -38.54
C ARG A 323 -44.74 -31.94 -39.39
N ARG A 324 -45.98 -31.90 -39.91
CA ARG A 324 -46.56 -32.89 -40.82
C ARG A 324 -45.96 -32.62 -42.22
N GLU A 325 -45.58 -33.68 -42.96
CA GLU A 325 -44.89 -33.62 -44.28
C GLU A 325 -45.30 -32.46 -45.21
N GLY A 326 -46.57 -32.32 -45.55
CA GLY A 326 -46.94 -31.23 -46.44
C GLY A 326 -47.11 -29.85 -45.82
N SER A 327 -47.27 -29.78 -44.48
CA SER A 327 -47.55 -28.55 -43.74
C SER A 327 -46.36 -27.57 -43.53
N GLN A 328 -46.73 -26.32 -43.12
CA GLN A 328 -45.90 -25.17 -42.75
C GLN A 328 -45.98 -24.96 -41.20
N ASN A 329 -47.08 -25.41 -40.58
CA ASN A 329 -47.31 -25.28 -39.14
C ASN A 329 -46.36 -26.14 -38.34
N LEU A 330 -45.55 -25.49 -37.49
CA LEU A 330 -44.54 -26.16 -36.65
C LEU A 330 -45.08 -26.39 -35.25
N LEU A 331 -44.89 -27.62 -34.72
CA LEU A 331 -45.35 -28.02 -33.39
C LEU A 331 -44.27 -27.96 -32.35
N PHE A 332 -44.49 -27.18 -31.28
CA PHE A 332 -43.54 -27.03 -30.17
C PHE A 332 -44.18 -27.34 -28.80
N SER A 333 -43.36 -27.28 -27.72
CA SER A 333 -43.77 -27.56 -26.35
C SER A 333 -44.75 -26.52 -25.73
N TYR A 334 -45.98 -26.42 -26.32
CA TYR A 334 -47.11 -25.57 -25.92
C TYR A 334 -46.75 -24.09 -25.76
N SER A 339 -53.13 -21.28 -28.20
CA SER A 339 -54.24 -22.22 -28.34
C SER A 339 -53.72 -23.67 -28.34
N SER A 340 -54.57 -24.61 -27.86
CA SER A 340 -54.27 -26.05 -27.75
C SER A 340 -55.09 -26.93 -28.72
N SER A 341 -54.59 -28.16 -28.98
CA SER A 341 -55.17 -29.17 -29.87
C SER A 341 -54.89 -30.57 -29.32
N ARG A 342 -55.18 -31.63 -30.11
CA ARG A 342 -54.96 -33.03 -29.73
C ARG A 342 -53.46 -33.37 -29.77
N PHE A 343 -52.68 -32.59 -30.55
CA PHE A 343 -51.23 -32.69 -30.72
C PHE A 343 -50.50 -31.94 -29.59
N SER A 344 -49.44 -32.56 -29.04
CA SER A 344 -48.62 -32.04 -27.95
C SER A 344 -47.20 -32.55 -28.08
N VAL A 345 -46.21 -31.73 -27.65
CA VAL A 345 -44.78 -32.06 -27.65
C VAL A 345 -44.26 -31.95 -26.22
N SER A 346 -43.74 -33.06 -25.69
CA SER A 346 -43.20 -33.13 -24.34
C SER A 346 -41.89 -32.32 -24.28
N GLN A 347 -41.44 -32.01 -23.03
CA GLN A 347 -40.21 -31.24 -22.81
C GLN A 347 -39.01 -31.91 -23.39
N THR A 348 -38.95 -33.26 -23.31
CA THR A 348 -37.85 -34.07 -23.86
C THR A 348 -37.88 -34.23 -25.39
N GLY A 349 -39.01 -33.95 -26.04
CA GLY A 349 -39.11 -33.96 -27.50
C GLY A 349 -40.10 -34.91 -28.14
N ASP A 350 -40.92 -35.61 -27.34
CA ASP A 350 -41.85 -36.57 -27.90
C ASP A 350 -43.18 -35.96 -28.34
N LEU A 351 -43.67 -36.37 -29.54
CA LEU A 351 -44.95 -35.94 -30.11
C LEU A 351 -46.02 -36.92 -29.69
N THR A 352 -47.18 -36.40 -29.21
CA THR A 352 -48.32 -37.19 -28.73
C THR A 352 -49.62 -36.70 -29.38
N ILE A 353 -50.24 -37.55 -30.23
CA ILE A 353 -51.51 -37.29 -30.89
C ILE A 353 -52.54 -38.13 -30.16
N THR A 354 -53.59 -37.47 -29.63
CA THR A 354 -54.70 -38.07 -28.86
C THR A 354 -55.97 -38.09 -29.70
N ASN A 355 -56.85 -39.11 -29.48
CA ASN A 355 -58.13 -39.30 -30.20
C ASN A 355 -57.94 -39.18 -31.70
N VAL A 356 -57.11 -40.07 -32.24
CA VAL A 356 -56.73 -40.07 -33.65
C VAL A 356 -57.92 -40.28 -34.58
N GLN A 357 -57.81 -39.68 -35.77
CA GLN A 357 -58.78 -39.75 -36.86
C GLN A 357 -58.07 -40.07 -38.18
N ARG A 358 -58.83 -40.50 -39.20
CA ARG A 358 -58.26 -40.88 -40.50
C ARG A 358 -57.51 -39.74 -41.21
N SER A 359 -57.74 -38.47 -40.80
CA SER A 359 -57.03 -37.33 -41.37
C SER A 359 -55.58 -37.25 -40.87
N ASP A 360 -55.28 -37.81 -39.68
CA ASP A 360 -53.96 -37.79 -39.06
C ASP A 360 -52.88 -38.64 -39.77
N VAL A 361 -53.30 -39.51 -40.71
CA VAL A 361 -52.45 -40.41 -41.51
C VAL A 361 -51.35 -39.64 -42.29
N GLY A 362 -50.11 -40.10 -42.17
CA GLY A 362 -48.98 -39.53 -42.90
C GLY A 362 -47.65 -39.52 -42.16
N TYR A 363 -46.63 -38.95 -42.80
CA TYR A 363 -45.31 -38.77 -42.21
C TYR A 363 -45.30 -37.56 -41.26
N TYR A 364 -44.62 -37.73 -40.12
CA TYR A 364 -44.41 -36.70 -39.13
C TYR A 364 -42.90 -36.50 -39.03
N ILE A 365 -42.45 -35.29 -39.41
CA ILE A 365 -41.04 -34.86 -39.44
C ILE A 365 -40.58 -34.38 -38.06
N CYS A 366 -39.45 -34.88 -37.56
CA CYS A 366 -38.89 -34.42 -36.30
C CYS A 366 -37.66 -33.63 -36.68
N GLN A 367 -37.48 -32.46 -36.05
CA GLN A 367 -36.34 -31.61 -36.33
C GLN A 367 -35.72 -31.06 -35.09
N THR A 368 -34.42 -31.29 -34.99
CA THR A 368 -33.57 -30.84 -33.91
C THR A 368 -32.65 -29.85 -34.52
N LEU A 369 -32.35 -28.78 -33.78
CA LEU A 369 -31.35 -27.81 -34.19
C LEU A 369 -30.77 -27.06 -33.01
N ASN A 370 -29.52 -26.63 -33.18
CA ASN A 370 -28.79 -25.77 -32.26
C ASN A 370 -27.89 -24.84 -33.09
N VAL A 371 -27.20 -23.90 -32.45
CA VAL A 371 -26.32 -22.92 -33.11
C VAL A 371 -25.30 -23.57 -34.07
N ALA A 372 -24.85 -24.81 -33.76
CA ALA A 372 -23.84 -25.59 -34.49
C ALA A 372 -24.36 -26.39 -35.69
N GLY A 373 -25.47 -27.12 -35.53
CA GLY A 373 -26.03 -27.95 -36.58
C GLY A 373 -27.52 -28.19 -36.49
N SER A 374 -28.06 -28.94 -37.46
CA SER A 374 -29.47 -29.29 -37.55
C SER A 374 -29.67 -30.65 -38.21
N ILE A 375 -30.53 -31.50 -37.61
CA ILE A 375 -30.81 -32.84 -38.15
C ILE A 375 -32.31 -33.09 -38.29
N ILE A 376 -32.68 -33.97 -39.22
CA ILE A 376 -34.06 -34.31 -39.61
C ILE A 376 -34.28 -35.85 -39.72
N THR A 377 -35.44 -36.33 -39.27
CA THR A 377 -35.89 -37.73 -39.37
C THR A 377 -37.42 -37.77 -39.35
N LYS A 378 -38.05 -38.74 -40.06
CA LYS A 378 -39.52 -38.87 -40.06
C LYS A 378 -40.02 -40.31 -39.68
N ALA A 379 -41.35 -40.46 -39.54
CA ALA A 379 -42.06 -41.70 -39.20
C ALA A 379 -43.53 -41.57 -39.57
N TYR A 380 -44.09 -42.62 -40.18
CA TYR A 380 -45.46 -42.68 -40.69
C TYR A 380 -46.49 -43.06 -39.64
N LEU A 381 -47.72 -42.52 -39.77
CA LEU A 381 -48.84 -42.87 -38.89
C LEU A 381 -49.93 -43.57 -39.74
N GLU A 382 -50.34 -44.77 -39.32
CA GLU A 382 -51.38 -45.51 -40.05
C GLU A 382 -52.63 -45.63 -39.18
N VAL A 383 -53.69 -44.88 -39.56
CA VAL A 383 -54.94 -44.90 -38.83
C VAL A 383 -55.86 -45.91 -39.50
N THR A 384 -56.30 -46.91 -38.69
CA THR A 384 -57.13 -48.05 -39.08
C THR A 384 -58.36 -48.20 -38.15
N GLY A 385 -59.38 -48.91 -38.64
CA GLY A 385 -60.63 -49.17 -37.92
C GLY A 385 -60.46 -50.07 -36.72
C1 NAG B . 27.68 25.89 43.92
C2 NAG B . 28.58 24.84 44.56
C3 NAG B . 27.70 23.75 45.18
C4 NAG B . 26.60 24.34 46.06
C5 NAG B . 25.82 25.43 45.31
C6 NAG B . 24.79 26.12 46.16
C7 NAG B . 30.72 24.07 43.60
C8 NAG B . 31.35 23.30 42.49
N2 NAG B . 29.40 24.27 43.50
O3 NAG B . 28.49 22.84 45.93
O4 NAG B . 25.69 23.30 46.40
O5 NAG B . 26.72 26.43 44.84
O6 NAG B . 23.78 26.72 45.36
O7 NAG B . 31.38 24.49 44.55
#